data_8TH7
#
_entry.id   8TH7
#
_cell.length_a   42.650
_cell.length_b   71.440
_cell.length_c   51.950
_cell.angle_alpha   90.00
_cell.angle_beta   111.26
_cell.angle_gamma   90.00
#
_symmetry.space_group_name_H-M   'P 1 21 1'
#
loop_
_entity.id
_entity.type
_entity.pdbx_description
1 polymer 'Ras GTPase-activating protein-binding protein 1'
2 polymer Caprin-1
3 water water
#
loop_
_entity_poly.entity_id
_entity_poly.type
_entity_poly.pdbx_seq_one_letter_code
_entity_poly.pdbx_strand_id
1 'polypeptide(L)'
;SMVMEKPSPLLVGREFVRQYYTLLNQAPDMLHRFYGKNSSYVHGGLDSNGKPADAVYGQKEIHRKVMSQNFTNCHTKIRH
VDAHATLNDGVVVQVMGLLSNNNQALRRFMQTFVLAPEGSVANKFYVHNDIFRYQDEVFG
;
A,B
2 'polypeptide(L)' QDLMAQMQGPYNFIQDSMLDFE C,D
#
# COMPACT_ATOMS: atom_id res chain seq x y z
N GLU A 5 -11.87 -21.96 -6.93
CA GLU A 5 -11.02 -21.07 -7.81
C GLU A 5 -10.12 -20.21 -6.90
N LYS A 6 -9.10 -19.56 -7.48
CA LYS A 6 -8.26 -18.53 -6.80
C LYS A 6 -9.23 -17.51 -6.20
N PRO A 7 -9.24 -17.31 -4.87
CA PRO A 7 -10.20 -16.41 -4.21
C PRO A 7 -10.29 -15.04 -4.88
N SER A 8 -11.38 -14.29 -4.67
CA SER A 8 -11.48 -12.86 -5.07
C SER A 8 -10.67 -11.96 -4.14
N PRO A 9 -9.76 -11.10 -4.64
CA PRO A 9 -8.90 -10.32 -3.75
C PRO A 9 -9.71 -9.37 -2.82
N LEU A 10 -10.78 -8.75 -3.31
CA LEU A 10 -11.56 -7.78 -2.50
C LEU A 10 -12.45 -8.54 -1.51
N LEU A 11 -12.90 -9.72 -1.90
CA LEU A 11 -13.67 -10.59 -0.96
C LEU A 11 -12.76 -10.88 0.23
N VAL A 12 -11.55 -11.35 -0.08
CA VAL A 12 -10.49 -11.63 0.94
C VAL A 12 -10.18 -10.34 1.74
N GLY A 13 -10.14 -9.19 1.08
CA GLY A 13 -9.64 -7.92 1.64
C GLY A 13 -10.58 -7.35 2.67
N ARG A 14 -11.86 -7.12 2.30
CA ARG A 14 -12.90 -6.60 3.24
C ARG A 14 -12.96 -7.50 4.47
N GLU A 15 -12.76 -8.80 4.27
CA GLU A 15 -12.97 -9.80 5.34
C GLU A 15 -11.80 -9.72 6.33
N PHE A 16 -10.57 -9.66 5.83
CA PHE A 16 -9.38 -9.50 6.70
C PHE A 16 -9.58 -8.22 7.52
N VAL A 17 -10.06 -7.16 6.85
CA VAL A 17 -10.18 -5.78 7.42
C VAL A 17 -11.26 -5.77 8.53
N ARG A 18 -12.40 -6.44 8.33
CA ARG A 18 -13.43 -6.47 9.40
C ARG A 18 -12.88 -7.33 10.53
N GLN A 19 -12.27 -8.47 10.20
CA GLN A 19 -11.61 -9.31 11.22
C GLN A 19 -10.53 -8.49 11.94
N TYR A 20 -9.71 -7.72 11.22
CA TYR A 20 -8.55 -7.01 11.81
C TYR A 20 -9.02 -6.01 12.87
N TYR A 21 -10.01 -5.21 12.53
CA TYR A 21 -10.40 -4.03 13.36
C TYR A 21 -11.42 -4.45 14.43
N THR A 22 -12.01 -5.63 14.29
CA THR A 22 -12.71 -6.33 15.41
C THR A 22 -11.70 -6.71 16.50
N LEU A 23 -10.73 -7.54 16.19
CA LEU A 23 -9.72 -7.97 17.19
C LEU A 23 -9.00 -6.75 17.78
N LEU A 24 -8.59 -5.79 16.96
CA LEU A 24 -7.91 -4.57 17.46
C LEU A 24 -8.73 -3.97 18.61
N ASN A 25 -10.05 -3.93 18.40
CA ASN A 25 -11.06 -3.42 19.36
C ASN A 25 -11.20 -4.37 20.56
N GLN A 26 -11.34 -5.67 20.34
CA GLN A 26 -11.78 -6.59 21.41
C GLN A 26 -10.60 -7.27 22.11
N ALA A 27 -9.60 -7.72 21.36
CA ALA A 27 -8.47 -8.55 21.85
C ALA A 27 -7.19 -8.10 21.21
N PRO A 28 -6.83 -6.81 21.37
CA PRO A 28 -5.69 -6.25 20.65
C PRO A 28 -4.36 -6.88 21.07
N ASP A 29 -4.31 -7.60 22.19
CA ASP A 29 -3.09 -8.33 22.64
C ASP A 29 -2.94 -9.66 21.89
N MET A 30 -3.96 -10.03 21.11
CA MET A 30 -3.95 -11.23 20.23
C MET A 30 -3.72 -10.79 18.79
N LEU A 31 -3.50 -9.49 18.54
CA LEU A 31 -3.40 -8.93 17.17
C LEU A 31 -2.16 -9.52 16.45
N HIS A 32 -1.18 -10.06 17.18
CA HIS A 32 0.08 -10.68 16.63
C HIS A 32 -0.20 -11.99 15.88
N ARG A 33 -1.36 -12.61 16.06
CA ARG A 33 -1.70 -13.92 15.45
C ARG A 33 -1.85 -13.78 13.93
N PHE A 34 -1.86 -12.55 13.43
CA PHE A 34 -2.07 -12.23 12.00
C PHE A 34 -0.73 -12.29 11.25
N TYR A 35 0.38 -12.27 11.98
CA TYR A 35 1.75 -12.11 11.42
C TYR A 35 2.54 -13.41 11.53
N GLY A 36 3.63 -13.51 10.73
CA GLY A 36 4.59 -14.62 10.75
C GLY A 36 5.97 -14.16 11.18
N LYS A 37 6.96 -15.07 11.20
CA LYS A 37 8.38 -14.80 11.56
C LYS A 37 8.90 -13.48 10.94
N ASN A 38 8.64 -13.24 9.65
CA ASN A 38 9.35 -12.21 8.86
C ASN A 38 8.45 -11.04 8.44
N SER A 39 7.35 -10.78 9.11
CA SER A 39 6.33 -9.80 8.65
C SER A 39 6.65 -8.39 9.17
N SER A 40 6.70 -7.38 8.29
CA SER A 40 6.89 -5.97 8.70
C SER A 40 5.60 -5.43 9.34
N TYR A 41 5.75 -4.69 10.44
CA TYR A 41 4.68 -3.97 11.18
C TYR A 41 5.15 -2.55 11.51
N VAL A 42 4.46 -1.51 11.06
CA VAL A 42 4.68 -0.14 11.61
C VAL A 42 3.35 0.61 11.70
N HIS A 43 2.93 0.95 12.92
CA HIS A 43 1.59 1.48 13.26
C HIS A 43 1.68 2.93 13.76
N GLY A 44 2.25 3.82 12.97
CA GLY A 44 2.39 5.24 13.34
C GLY A 44 3.51 5.43 14.36
N GLY A 45 3.73 6.69 14.80
CA GLY A 45 4.68 7.08 15.85
C GLY A 45 5.71 8.11 15.39
N LEU A 46 5.88 9.19 16.17
CA LEU A 46 7.05 10.11 16.11
C LEU A 46 8.02 9.71 17.24
N ASP A 47 9.32 9.68 16.96
CA ASP A 47 10.41 9.23 17.88
C ASP A 47 10.53 10.20 19.07
N GLY A 50 12.10 12.96 17.25
CA GLY A 50 10.73 13.09 16.72
C GLY A 50 10.68 13.04 15.21
N LYS A 51 10.81 11.83 14.65
CA LYS A 51 10.49 11.50 13.22
C LYS A 51 9.50 10.33 13.19
N PRO A 52 8.76 10.10 12.08
CA PRO A 52 8.00 8.87 11.90
C PRO A 52 8.83 7.60 12.22
N ALA A 53 8.24 6.67 12.95
CA ALA A 53 8.90 5.51 13.63
C ALA A 53 9.16 4.38 12.64
N ASP A 54 9.95 3.39 13.06
CA ASP A 54 10.56 2.34 12.19
C ASP A 54 9.77 1.02 12.28
N ALA A 55 10.04 0.08 11.39
CA ALA A 55 9.35 -1.24 11.33
C ALA A 55 9.84 -2.08 12.50
N VAL A 56 9.07 -3.11 12.85
CA VAL A 56 9.53 -4.22 13.74
C VAL A 56 9.03 -5.51 13.09
N TYR A 57 9.72 -6.63 13.29
CA TYR A 57 9.56 -7.87 12.46
C TYR A 57 9.18 -9.06 13.35
N GLY A 58 8.12 -9.79 12.95
CA GLY A 58 7.71 -11.09 13.52
C GLY A 58 6.80 -10.91 14.71
N GLN A 59 5.96 -11.91 15.02
CA GLN A 59 4.94 -11.84 16.10
C GLN A 59 5.55 -11.24 17.38
N LYS A 60 6.67 -11.77 17.84
CA LYS A 60 7.22 -11.47 19.20
C LYS A 60 7.49 -9.96 19.28
N GLU A 61 8.27 -9.42 18.32
CA GLU A 61 8.55 -7.96 18.18
C GLU A 61 7.23 -7.19 18.01
N ILE A 62 6.24 -7.78 17.33
CA ILE A 62 4.92 -7.13 17.02
C ILE A 62 4.04 -7.13 18.28
N HIS A 63 3.75 -8.28 18.88
CA HIS A 63 3.04 -8.35 20.17
C HIS A 63 3.52 -7.19 21.06
N ARG A 64 4.85 -6.99 21.11
CA ARG A 64 5.52 -5.95 21.91
C ARG A 64 4.91 -4.60 21.55
N LYS A 65 5.27 -4.05 20.38
CA LYS A 65 4.93 -2.67 19.97
C LYS A 65 3.43 -2.45 20.24
N VAL A 66 2.60 -3.38 19.74
CA VAL A 66 1.13 -3.39 19.94
C VAL A 66 0.77 -2.92 21.35
N MET A 67 1.32 -3.57 22.37
CA MET A 67 1.05 -3.24 23.78
C MET A 67 1.68 -1.88 24.13
N SER A 68 2.93 -1.62 23.67
CA SER A 68 3.68 -0.33 23.79
C SER A 68 2.80 0.85 23.33
N GLN A 69 1.74 0.53 22.59
CA GLN A 69 0.57 1.40 22.37
C GLN A 69 -0.59 0.82 23.20
N ASN A 70 -1.16 1.64 24.07
CA ASN A 70 -2.11 1.16 25.10
C ASN A 70 -3.50 1.10 24.45
N PHE A 71 -3.68 0.23 23.46
CA PHE A 71 -4.99 0.02 22.76
C PHE A 71 -6.06 -0.30 23.80
N THR A 72 -7.01 0.62 23.98
CA THR A 72 -8.15 0.53 24.93
C THR A 72 -9.42 1.08 24.27
N ASN A 73 -10.53 0.33 24.36
CA ASN A 73 -11.85 0.75 23.79
C ASN A 73 -11.56 1.46 22.47
N CYS A 74 -10.95 0.73 21.55
CA CYS A 74 -10.41 1.25 20.26
C CYS A 74 -11.51 1.19 19.22
N HIS A 75 -12.08 2.33 18.82
CA HIS A 75 -13.16 2.39 17.80
C HIS A 75 -12.59 2.83 16.46
N THR A 76 -13.17 2.34 15.37
CA THR A 76 -12.76 2.60 13.98
C THR A 76 -14.00 2.71 13.09
N LYS A 77 -14.00 3.74 12.24
CA LYS A 77 -14.91 3.86 11.08
C LYS A 77 -14.05 3.73 9.82
N ILE A 78 -14.13 2.56 9.16
CA ILE A 78 -13.44 2.29 7.85
C ILE A 78 -14.28 2.94 6.74
N ARG A 79 -13.70 3.90 6.02
CA ARG A 79 -14.43 4.74 5.05
C ARG A 79 -14.13 4.29 3.63
N HIS A 80 -12.98 3.67 3.36
CA HIS A 80 -12.76 2.93 2.08
C HIS A 80 -11.74 1.82 2.24
N VAL A 81 -11.99 0.74 1.50
CA VAL A 81 -11.09 -0.44 1.32
C VAL A 81 -10.93 -0.66 -0.19
N ASP A 82 -9.71 -0.93 -0.62
CA ASP A 82 -9.42 -1.36 -2.01
C ASP A 82 -8.39 -2.50 -1.97
N ALA A 83 -8.72 -3.63 -2.56
CA ALA A 83 -7.82 -4.81 -2.60
C ALA A 83 -7.62 -5.20 -4.06
N HIS A 84 -6.53 -5.90 -4.33
CA HIS A 84 -6.16 -6.32 -5.69
C HIS A 84 -5.21 -7.49 -5.64
N ALA A 85 -5.30 -8.36 -6.64
CA ALA A 85 -4.33 -9.46 -6.88
C ALA A 85 -2.92 -8.87 -7.02
N THR A 86 -1.94 -9.50 -6.40
CA THR A 86 -0.51 -9.05 -6.44
C THR A 86 0.37 -10.30 -6.54
N LEU A 87 1.68 -10.11 -6.38
CA LEU A 87 2.69 -11.19 -6.48
C LEU A 87 2.20 -12.48 -5.77
N ASN A 88 2.35 -13.62 -6.42
CA ASN A 88 2.32 -14.91 -5.72
C ASN A 88 0.98 -15.03 -5.01
N ASP A 89 -0.10 -14.89 -5.77
CA ASP A 89 -1.49 -15.01 -5.28
C ASP A 89 -1.58 -14.37 -3.90
N GLY A 90 -0.89 -13.23 -3.73
CA GLY A 90 -1.00 -12.32 -2.59
C GLY A 90 -2.06 -11.25 -2.85
N VAL A 91 -2.38 -10.47 -1.83
CA VAL A 91 -3.40 -9.39 -1.94
C VAL A 91 -2.83 -8.15 -1.28
N VAL A 92 -2.68 -7.07 -2.05
CA VAL A 92 -2.39 -5.73 -1.49
C VAL A 92 -3.74 -5.06 -1.20
N VAL A 93 -3.82 -4.47 -0.01
CA VAL A 93 -5.03 -3.87 0.60
C VAL A 93 -4.69 -2.45 1.04
N GLN A 94 -5.49 -1.47 0.60
CA GLN A 94 -5.39 -0.05 1.01
C GLN A 94 -6.67 0.35 1.73
N VAL A 95 -6.58 0.52 3.05
CA VAL A 95 -7.70 0.96 3.93
C VAL A 95 -7.54 2.44 4.26
N MET A 96 -8.59 3.24 4.08
CA MET A 96 -8.67 4.63 4.62
C MET A 96 -9.78 4.64 5.68
N GLY A 97 -9.61 5.43 6.75
CA GLY A 97 -10.58 5.49 7.86
C GLY A 97 -10.10 6.32 9.04
N LEU A 98 -10.95 6.38 10.08
CA LEU A 98 -10.79 7.17 11.34
C LEU A 98 -10.67 6.17 12.49
N LEU A 99 -9.70 6.38 13.37
CA LEU A 99 -9.45 5.49 14.53
C LEU A 99 -9.35 6.34 15.80
N SER A 100 -10.09 5.95 16.84
CA SER A 100 -10.14 6.54 18.19
C SER A 100 -9.61 5.51 19.20
N ASN A 101 -8.58 5.87 19.95
CA ASN A 101 -8.06 5.04 21.07
C ASN A 101 -8.35 5.71 22.41
N ASN A 102 -8.69 4.91 23.41
CA ASN A 102 -8.77 5.38 24.82
C ASN A 102 -9.78 6.54 24.85
N ASN A 103 -10.85 6.40 24.07
CA ASN A 103 -11.94 7.40 23.87
C ASN A 103 -11.35 8.83 23.82
N GLN A 104 -10.18 8.98 23.20
CA GLN A 104 -9.59 10.30 22.87
C GLN A 104 -10.04 10.63 21.45
N ALA A 105 -9.32 11.54 20.79
CA ALA A 105 -9.61 12.06 19.43
C ALA A 105 -9.86 10.94 18.40
N LEU A 106 -10.70 11.24 17.41
CA LEU A 106 -10.95 10.41 16.19
C LEU A 106 -9.96 10.84 15.08
N ARG A 107 -9.03 9.96 14.68
CA ARG A 107 -7.88 10.36 13.80
C ARG A 107 -7.94 9.66 12.44
N ARG A 108 -7.87 10.45 11.36
CA ARG A 108 -7.71 9.98 9.95
C ARG A 108 -6.41 9.17 9.80
N PHE A 109 -6.48 7.94 9.27
CA PHE A 109 -5.26 7.14 8.91
C PHE A 109 -5.28 6.63 7.45
N MET A 110 -4.09 6.54 6.84
CA MET A 110 -3.77 5.68 5.65
C MET A 110 -3.26 4.33 6.15
N GLN A 111 -3.65 3.22 5.51
CA GLN A 111 -3.08 1.89 5.85
C GLN A 111 -2.89 1.00 4.61
N THR A 112 -1.71 0.38 4.52
CA THR A 112 -1.36 -0.62 3.49
C THR A 112 -1.15 -1.98 4.16
N PHE A 113 -1.71 -3.04 3.61
CA PHE A 113 -1.46 -4.44 4.05
C PHE A 113 -1.05 -5.28 2.86
N VAL A 114 -0.05 -6.14 3.02
CA VAL A 114 0.18 -7.27 2.06
C VAL A 114 -0.21 -8.58 2.79
N LEU A 115 -1.12 -9.32 2.16
CA LEU A 115 -1.57 -10.64 2.60
C LEU A 115 -0.95 -11.69 1.70
N ALA A 116 -0.35 -12.71 2.28
CA ALA A 116 0.26 -13.86 1.57
C ALA A 116 -0.49 -15.11 1.96
N PRO A 117 -0.79 -16.02 1.00
CA PRO A 117 -1.31 -17.34 1.35
C PRO A 117 -0.43 -17.97 2.44
N GLU A 118 -1.05 -18.67 3.39
CA GLU A 118 -0.35 -19.46 4.44
C GLU A 118 0.44 -20.61 3.79
N GLY A 119 -0.04 -21.18 2.68
CA GLY A 119 0.67 -22.20 1.89
C GLY A 119 0.33 -23.64 2.28
N SER A 120 -0.51 -23.85 3.31
CA SER A 120 -0.91 -25.19 3.84
C SER A 120 -2.42 -25.41 3.66
N VAL A 121 -3.29 -24.68 4.39
CA VAL A 121 -4.78 -24.73 4.21
C VAL A 121 -5.20 -23.65 3.19
N ALA A 122 -5.93 -24.03 2.14
CA ALA A 122 -6.49 -23.10 1.14
C ALA A 122 -7.51 -22.18 1.82
N ASN A 123 -7.53 -20.89 1.45
CA ASN A 123 -8.31 -19.78 2.07
C ASN A 123 -7.67 -19.32 3.38
N LYS A 124 -6.48 -19.82 3.71
CA LYS A 124 -5.73 -19.27 4.87
C LYS A 124 -4.70 -18.27 4.32
N PHE A 125 -4.58 -17.12 4.98
CA PHE A 125 -3.55 -16.12 4.68
C PHE A 125 -2.92 -15.65 5.98
N TYR A 126 -1.88 -14.84 5.87
CA TYR A 126 -1.20 -14.15 6.98
C TYR A 126 -0.73 -12.78 6.48
N VAL A 127 -0.57 -11.84 7.39
CA VAL A 127 -0.06 -10.48 7.09
C VAL A 127 1.47 -10.57 6.93
N HIS A 128 1.97 -10.34 5.72
CA HIS A 128 3.42 -10.19 5.46
C HIS A 128 3.89 -8.79 5.87
N ASN A 129 3.01 -7.80 5.71
CA ASN A 129 3.33 -6.35 5.76
C ASN A 129 2.16 -5.57 6.33
N ASP A 130 2.45 -4.57 7.15
CA ASP A 130 1.41 -3.75 7.83
C ASP A 130 1.97 -2.34 8.06
N ILE A 131 1.47 -1.39 7.29
CA ILE A 131 1.94 0.02 7.24
C ILE A 131 0.74 0.88 7.58
N PHE A 132 0.73 1.41 8.80
CA PHE A 132 -0.26 2.39 9.29
C PHE A 132 0.46 3.73 9.53
N ARG A 133 -0.25 4.83 9.24
CA ARG A 133 0.21 6.22 9.51
C ARG A 133 -0.98 7.11 9.88
N TYR A 134 -0.91 7.78 11.04
CA TYR A 134 -1.80 8.94 11.34
C TYR A 134 -1.40 10.09 10.43
N GLN A 135 -2.39 10.59 9.68
CA GLN A 135 -2.35 11.84 8.89
C GLN A 135 -1.86 13.04 9.72
N ASP A 136 -2.29 13.18 10.98
CA ASP A 136 -1.91 14.39 11.78
C ASP A 136 -0.41 14.39 12.07
N GLU A 137 0.27 13.26 11.93
CA GLU A 137 1.75 13.14 12.17
C GLU A 137 2.53 13.53 10.91
N VAL A 138 1.88 13.71 9.76
CA VAL A 138 2.57 13.93 8.46
C VAL A 138 2.20 15.29 7.88
N PHE A 139 0.91 15.66 7.91
CA PHE A 139 0.39 16.99 7.48
C PHE A 139 0.25 17.92 8.70
N GLY A 140 1.39 18.21 9.35
CA GLY A 140 1.51 19.15 10.48
C GLY A 140 1.84 20.55 9.97
N SER B 1 33.89 0.29 -13.57
CA SER B 1 33.51 1.60 -12.96
C SER B 1 32.62 1.30 -11.75
N MET B 2 31.59 2.11 -11.48
CA MET B 2 30.76 2.07 -10.23
C MET B 2 30.12 0.70 -9.98
N VAL B 3 30.35 0.11 -8.79
CA VAL B 3 29.59 -1.09 -8.30
C VAL B 3 28.12 -0.71 -8.02
N MET B 4 27.21 -1.67 -8.21
CA MET B 4 25.73 -1.51 -8.06
C MET B 4 25.32 -1.30 -6.59
N GLU B 5 24.37 -0.40 -6.32
CA GLU B 5 23.69 -0.30 -5.00
C GLU B 5 22.81 -1.54 -4.77
N LYS B 6 22.82 -2.06 -3.53
CA LYS B 6 21.95 -3.17 -3.08
C LYS B 6 20.50 -2.70 -3.21
N PRO B 7 19.51 -3.58 -3.48
CA PRO B 7 18.15 -3.13 -3.70
C PRO B 7 17.50 -2.93 -2.33
N SER B 8 17.98 -1.93 -1.59
CA SER B 8 17.41 -1.56 -0.27
C SER B 8 15.97 -1.08 -0.46
N PRO B 9 14.97 -1.81 0.05
CA PRO B 9 13.57 -1.40 -0.05
C PRO B 9 13.36 0.11 0.04
N LEU B 10 13.94 0.79 1.02
CA LEU B 10 13.77 2.26 1.19
C LEU B 10 14.41 2.99 -0.01
N LEU B 11 15.62 2.62 -0.42
CA LEU B 11 16.27 3.26 -1.59
C LEU B 11 15.46 3.01 -2.87
N VAL B 12 14.83 1.84 -3.00
CA VAL B 12 14.08 1.49 -4.24
C VAL B 12 12.81 2.34 -4.26
N GLY B 13 12.16 2.45 -3.11
CA GLY B 13 10.96 3.28 -2.88
C GLY B 13 11.24 4.76 -3.09
N ARG B 14 12.36 5.28 -2.57
CA ARG B 14 12.71 6.73 -2.68
C ARG B 14 13.06 7.05 -4.15
N GLU B 15 13.91 6.25 -4.78
CA GLU B 15 14.34 6.44 -6.19
C GLU B 15 13.15 6.33 -7.14
N PHE B 16 12.27 5.33 -6.95
CA PHE B 16 11.06 5.13 -7.79
C PHE B 16 10.06 6.28 -7.61
N VAL B 17 9.90 6.80 -6.39
CA VAL B 17 8.92 7.90 -6.14
C VAL B 17 9.42 9.21 -6.78
N ARG B 18 10.74 9.46 -6.89
CA ARG B 18 11.19 10.73 -7.52
C ARG B 18 10.91 10.61 -9.02
N GLN B 19 11.18 9.45 -9.61
CA GLN B 19 10.93 9.22 -11.07
C GLN B 19 9.43 9.33 -11.34
N TYR B 20 8.63 8.66 -10.52
CA TYR B 20 7.17 8.52 -10.76
C TYR B 20 6.56 9.91 -10.95
N TYR B 21 6.84 10.79 -9.99
CA TYR B 21 6.18 12.13 -9.87
C TYR B 21 6.93 13.14 -10.74
N THR B 22 8.23 12.96 -10.98
CA THR B 22 8.98 13.70 -12.03
C THR B 22 8.31 13.40 -13.38
N LEU B 23 8.17 12.13 -13.75
CA LEU B 23 7.66 11.79 -15.10
C LEU B 23 6.14 12.07 -15.17
N LEU B 24 5.37 11.92 -14.09
CA LEU B 24 3.95 12.30 -14.13
C LEU B 24 3.90 13.75 -14.61
N ASN B 25 4.62 14.62 -13.93
CA ASN B 25 4.63 16.10 -14.16
C ASN B 25 5.19 16.45 -15.54
N GLN B 26 6.39 15.98 -15.89
CA GLN B 26 7.12 16.44 -17.08
C GLN B 26 6.64 15.67 -18.31
N ALA B 27 5.98 14.51 -18.13
CA ALA B 27 5.67 13.57 -19.25
C ALA B 27 4.69 12.47 -18.87
N PRO B 28 3.41 12.79 -18.64
CA PRO B 28 2.42 11.76 -18.30
C PRO B 28 2.05 10.79 -19.43
N ASP B 29 2.39 11.09 -20.69
CA ASP B 29 2.14 10.19 -21.85
C ASP B 29 3.12 9.02 -21.86
N MET B 30 4.13 9.05 -20.99
CA MET B 30 5.17 8.00 -20.84
C MET B 30 4.87 7.15 -19.60
N LEU B 31 4.05 7.67 -18.68
CA LEU B 31 3.85 7.09 -17.32
C LEU B 31 3.47 5.60 -17.42
N HIS B 32 2.97 5.17 -18.58
CA HIS B 32 2.49 3.79 -18.89
C HIS B 32 3.62 2.78 -18.93
N ARG B 33 4.88 3.21 -18.83
CA ARG B 33 6.08 2.34 -19.06
C ARG B 33 6.59 1.77 -17.74
N PHE B 34 6.23 2.36 -16.62
CA PHE B 34 6.53 1.89 -15.26
C PHE B 34 5.86 0.51 -15.01
N TYR B 35 4.86 0.18 -15.84
CA TYR B 35 3.90 -0.94 -15.67
C TYR B 35 4.16 -2.08 -16.67
N GLY B 36 3.56 -3.25 -16.42
CA GLY B 36 3.72 -4.50 -17.19
C GLY B 36 2.39 -5.05 -17.64
N LYS B 37 2.40 -6.17 -18.38
CA LYS B 37 1.20 -6.90 -18.90
C LYS B 37 0.19 -7.00 -17.74
N ASN B 38 0.64 -7.56 -16.61
CA ASN B 38 -0.21 -7.95 -15.44
C ASN B 38 -0.67 -6.70 -14.64
N SER B 39 0.11 -5.61 -14.61
CA SER B 39 0.00 -4.47 -13.66
C SER B 39 -1.47 -4.04 -13.46
N SER B 40 -1.76 -3.44 -12.30
CA SER B 40 -3.09 -2.92 -11.86
C SER B 40 -2.97 -1.45 -11.46
N TYR B 41 -3.93 -0.61 -11.83
CA TYR B 41 -3.88 0.88 -11.73
C TYR B 41 -5.24 1.43 -11.31
N VAL B 42 -5.33 2.27 -10.26
CA VAL B 42 -6.54 3.14 -9.99
C VAL B 42 -6.10 4.48 -9.40
N HIS B 43 -6.70 5.58 -9.87
CA HIS B 43 -6.23 6.96 -9.62
C HIS B 43 -7.43 7.87 -9.34
N GLY B 44 -8.04 7.71 -8.17
CA GLY B 44 -9.19 8.54 -7.72
C GLY B 44 -10.41 8.28 -8.58
N GLY B 45 -11.31 9.27 -8.69
CA GLY B 45 -12.54 9.23 -9.51
C GLY B 45 -13.78 8.87 -8.69
N LEU B 46 -14.96 9.37 -9.09
CA LEU B 46 -16.26 9.04 -8.45
C LEU B 46 -17.27 8.68 -9.54
N ASP B 47 -17.42 7.38 -9.86
CA ASP B 47 -18.28 6.85 -10.96
C ASP B 47 -19.71 7.40 -10.81
N SER B 48 -20.58 7.11 -11.78
CA SER B 48 -21.99 7.58 -11.89
C SER B 48 -22.69 7.52 -10.52
N ASN B 49 -22.55 6.42 -9.77
CA ASN B 49 -23.20 6.18 -8.45
C ASN B 49 -22.65 7.16 -7.39
N GLY B 50 -21.53 7.83 -7.66
CA GLY B 50 -20.88 8.80 -6.75
C GLY B 50 -19.84 8.14 -5.84
N LYS B 51 -19.56 6.85 -6.08
CA LYS B 51 -18.60 6.04 -5.29
C LYS B 51 -17.25 6.04 -6.02
N PRO B 52 -16.14 5.72 -5.34
CA PRO B 52 -14.82 5.57 -6.00
C PRO B 52 -14.81 4.65 -7.24
N ALA B 53 -13.93 4.95 -8.21
CA ALA B 53 -13.91 4.42 -9.60
C ALA B 53 -13.19 3.07 -9.69
N ASP B 54 -13.45 2.32 -10.76
CA ASP B 54 -12.86 0.97 -11.00
C ASP B 54 -11.41 1.15 -11.48
N ALA B 55 -10.68 0.04 -11.67
CA ALA B 55 -9.25 -0.01 -12.05
C ALA B 55 -9.10 -0.67 -13.42
N VAL B 56 -7.90 -0.62 -14.02
CA VAL B 56 -7.61 -1.23 -15.36
C VAL B 56 -6.28 -2.01 -15.30
N TYR B 57 -5.93 -2.77 -16.34
CA TYR B 57 -4.78 -3.72 -16.33
C TYR B 57 -3.93 -3.57 -17.61
N GLY B 58 -2.62 -3.78 -17.48
CA GLY B 58 -1.66 -3.71 -18.60
C GLY B 58 -1.39 -2.28 -19.07
N GLN B 59 -0.31 -2.07 -19.83
CA GLN B 59 0.15 -0.73 -20.29
C GLN B 59 -0.97 0.03 -21.04
N LYS B 60 -1.53 -0.55 -22.11
CA LYS B 60 -2.51 0.11 -23.03
C LYS B 60 -3.67 0.68 -22.21
N GLU B 61 -4.35 -0.20 -21.46
CA GLU B 61 -5.48 0.20 -20.59
C GLU B 61 -5.06 1.39 -19.72
N ILE B 62 -3.91 1.28 -19.06
CA ILE B 62 -3.38 2.24 -18.06
C ILE B 62 -3.12 3.57 -18.77
N HIS B 63 -2.38 3.53 -19.87
CA HIS B 63 -2.13 4.69 -20.77
C HIS B 63 -3.44 5.38 -21.12
N ARG B 64 -4.38 4.61 -21.68
CA ARG B 64 -5.77 5.04 -22.02
C ARG B 64 -6.27 5.95 -20.88
N LYS B 65 -6.36 5.39 -19.68
CA LYS B 65 -6.88 6.03 -18.43
C LYS B 65 -6.02 7.25 -18.04
N VAL B 66 -4.69 7.16 -18.16
CA VAL B 66 -3.73 8.27 -17.83
C VAL B 66 -3.98 9.46 -18.78
N MET B 67 -4.14 9.20 -20.07
CA MET B 67 -4.39 10.24 -21.10
C MET B 67 -5.76 10.89 -20.87
N SER B 68 -6.70 10.16 -20.29
CA SER B 68 -8.13 10.54 -20.10
C SER B 68 -8.27 11.48 -18.90
N GLN B 69 -7.29 11.50 -17.99
CA GLN B 69 -7.32 12.34 -16.75
C GLN B 69 -6.56 13.65 -16.96
N ASN B 70 -6.44 14.11 -18.21
CA ASN B 70 -5.56 15.22 -18.69
C ASN B 70 -4.68 15.78 -17.55
N PHE B 71 -3.43 15.30 -17.45
CA PHE B 71 -2.41 15.83 -16.51
C PHE B 71 -1.61 16.96 -17.19
N THR B 72 -1.92 18.22 -16.85
CA THR B 72 -1.18 19.44 -17.27
C THR B 72 -0.48 20.09 -16.07
N ASN B 73 0.86 20.19 -16.14
CA ASN B 73 1.72 20.92 -15.18
C ASN B 73 1.33 20.49 -13.76
N CYS B 74 1.05 19.19 -13.63
CA CYS B 74 0.71 18.48 -12.37
C CYS B 74 1.91 18.58 -11.43
N HIS B 75 1.77 19.34 -10.35
CA HIS B 75 2.80 19.48 -9.28
C HIS B 75 2.45 18.50 -8.16
N THR B 76 3.45 18.10 -7.38
CA THR B 76 3.34 17.08 -6.30
C THR B 76 4.17 17.56 -5.13
N LYS B 77 3.59 17.70 -3.94
CA LYS B 77 4.37 17.73 -2.67
C LYS B 77 4.27 16.31 -2.10
N ILE B 78 5.39 15.69 -1.70
CA ILE B 78 5.46 14.33 -1.09
C ILE B 78 5.94 14.46 0.35
N ARG B 79 5.03 14.20 1.30
CA ARG B 79 5.24 14.53 2.73
C ARG B 79 5.61 13.29 3.55
N HIS B 80 5.70 12.11 2.95
CA HIS B 80 6.23 10.87 3.58
C HIS B 80 6.15 9.70 2.61
N VAL B 81 7.15 8.82 2.68
CA VAL B 81 7.29 7.58 1.85
C VAL B 81 7.80 6.46 2.75
N ASP B 82 7.07 5.37 2.78
CA ASP B 82 7.43 4.14 3.53
C ASP B 82 7.59 3.01 2.50
N ALA B 83 8.70 2.28 2.53
CA ALA B 83 8.96 1.16 1.59
C ALA B 83 9.46 -0.06 2.36
N HIS B 84 8.79 -1.21 2.22
CA HIS B 84 9.15 -2.48 2.90
C HIS B 84 9.30 -3.60 1.88
N ALA B 85 10.29 -4.47 2.09
CA ALA B 85 10.41 -5.79 1.43
C ALA B 85 9.07 -6.48 1.49
N THR B 86 8.58 -6.99 0.36
CA THR B 86 7.41 -7.91 0.31
C THR B 86 7.76 -9.12 -0.55
N LEU B 87 6.76 -9.98 -0.78
CA LEU B 87 6.93 -11.31 -1.42
C LEU B 87 7.87 -11.23 -2.63
N ASN B 88 8.56 -12.34 -2.91
CA ASN B 88 9.33 -12.59 -4.16
C ASN B 88 10.24 -11.39 -4.44
N ASP B 89 10.89 -10.85 -3.41
CA ASP B 89 11.83 -9.70 -3.49
C ASP B 89 11.12 -8.44 -4.03
N GLY B 90 9.79 -8.35 -3.89
CA GLY B 90 8.99 -7.18 -4.32
C GLY B 90 8.97 -6.11 -3.24
N VAL B 91 8.78 -4.85 -3.59
CA VAL B 91 8.85 -3.73 -2.61
C VAL B 91 7.49 -3.08 -2.58
N VAL B 92 6.85 -3.02 -1.40
CA VAL B 92 5.55 -2.31 -1.21
C VAL B 92 5.82 -0.92 -0.63
N VAL B 93 5.21 0.11 -1.22
CA VAL B 93 5.49 1.54 -0.95
C VAL B 93 4.18 2.24 -0.57
N GLN B 94 4.13 2.84 0.62
CA GLN B 94 3.03 3.75 1.04
C GLN B 94 3.50 5.19 0.90
N VAL B 95 2.81 5.96 0.06
CA VAL B 95 3.10 7.39 -0.24
C VAL B 95 1.95 8.26 0.28
N MET B 96 2.32 9.29 1.04
CA MET B 96 1.38 10.36 1.48
C MET B 96 1.97 11.71 1.00
N GLY B 97 1.19 12.50 0.26
CA GLY B 97 1.56 13.85 -0.20
C GLY B 97 0.35 14.59 -0.71
N LEU B 98 0.51 15.79 -1.30
CA LEU B 98 -0.56 16.52 -2.04
C LEU B 98 -0.22 16.54 -3.53
N LEU B 99 -1.25 16.40 -4.37
CA LEU B 99 -1.17 16.57 -5.83
C LEU B 99 -2.15 17.67 -6.28
N SER B 100 -1.62 18.80 -6.73
CA SER B 100 -2.33 19.80 -7.57
C SER B 100 -2.18 19.36 -9.03
N ASN B 101 -3.26 19.43 -9.82
CA ASN B 101 -3.25 19.23 -11.31
C ASN B 101 -3.73 20.49 -12.03
N ASN B 102 -2.99 20.94 -13.04
CA ASN B 102 -3.38 22.03 -13.98
C ASN B 102 -3.45 23.33 -13.18
N ASN B 103 -2.64 23.43 -12.11
CA ASN B 103 -2.65 24.56 -11.17
C ASN B 103 -4.05 24.75 -10.57
N GLN B 104 -4.91 23.72 -10.63
CA GLN B 104 -6.03 23.55 -9.68
C GLN B 104 -5.44 23.16 -8.31
N ALA B 105 -6.30 22.97 -7.31
CA ALA B 105 -5.95 23.04 -5.88
C ALA B 105 -5.18 21.78 -5.46
N LEU B 106 -4.19 21.93 -4.55
CA LEU B 106 -3.38 20.83 -3.95
C LEU B 106 -4.28 19.98 -3.06
N ARG B 107 -4.73 18.82 -3.55
CA ARG B 107 -5.52 17.85 -2.76
C ARG B 107 -4.57 16.81 -2.17
N ARG B 108 -4.92 16.29 -1.00
CA ARG B 108 -4.10 15.30 -0.25
C ARG B 108 -4.43 13.91 -0.80
N PHE B 109 -3.42 13.08 -1.02
CA PHE B 109 -3.58 11.71 -1.57
C PHE B 109 -2.97 10.69 -0.59
N MET B 110 -3.62 9.53 -0.55
CA MET B 110 -3.11 8.25 0.01
C MET B 110 -2.68 7.40 -1.21
N GLN B 111 -1.49 6.78 -1.22
CA GLN B 111 -1.12 5.96 -2.42
C GLN B 111 -0.19 4.77 -2.14
N THR B 112 -0.71 3.58 -2.42
CA THR B 112 0.01 2.29 -2.35
C THR B 112 0.57 1.92 -3.72
N PHE B 113 1.87 1.63 -3.77
CA PHE B 113 2.54 0.94 -4.89
C PHE B 113 3.04 -0.43 -4.45
N VAL B 114 3.08 -1.40 -5.37
CA VAL B 114 3.99 -2.58 -5.26
C VAL B 114 4.86 -2.63 -6.53
N LEU B 115 6.18 -2.53 -6.33
CA LEU B 115 7.25 -2.74 -7.31
C LEU B 115 7.68 -4.20 -7.22
N ALA B 116 7.67 -4.90 -8.36
CA ALA B 116 8.12 -6.30 -8.51
C ALA B 116 9.46 -6.35 -9.24
N PRO B 117 10.36 -7.28 -8.83
CA PRO B 117 11.51 -7.65 -9.64
C PRO B 117 11.07 -7.87 -11.07
N GLU B 118 11.90 -7.49 -12.04
CA GLU B 118 11.54 -7.49 -13.49
C GLU B 118 12.09 -8.75 -14.14
N GLY B 119 13.10 -9.38 -13.54
CA GLY B 119 13.42 -10.80 -13.77
C GLY B 119 14.60 -11.02 -14.69
N SER B 120 14.85 -10.06 -15.57
CA SER B 120 15.81 -10.17 -16.71
C SER B 120 17.08 -9.38 -16.43
N VAL B 121 16.94 -8.20 -15.83
CA VAL B 121 18.03 -7.21 -15.59
C VAL B 121 18.11 -6.97 -14.09
N ALA B 122 19.33 -7.02 -13.52
CA ALA B 122 19.56 -6.73 -12.07
C ALA B 122 19.13 -5.30 -11.77
N ASN B 123 18.63 -5.10 -10.54
CA ASN B 123 18.15 -3.81 -9.97
C ASN B 123 17.04 -3.20 -10.84
N LYS B 124 16.37 -4.01 -11.66
CA LYS B 124 15.23 -3.55 -12.49
C LYS B 124 13.92 -4.06 -11.88
N PHE B 125 12.92 -3.18 -11.82
CA PHE B 125 11.59 -3.42 -11.21
C PHE B 125 10.49 -2.90 -12.15
N TYR B 126 9.27 -3.42 -11.98
CA TYR B 126 8.03 -2.91 -12.65
C TYR B 126 6.97 -2.68 -11.56
N VAL B 127 6.08 -1.70 -11.79
CA VAL B 127 4.95 -1.34 -10.89
C VAL B 127 3.82 -2.35 -11.05
N HIS B 128 3.85 -3.46 -10.30
CA HIS B 128 2.76 -4.46 -10.24
C HIS B 128 1.45 -3.79 -9.78
N ASN B 129 1.53 -2.81 -8.88
CA ASN B 129 0.31 -2.27 -8.21
C ASN B 129 0.47 -0.79 -7.91
N ASP B 130 -0.59 -0.06 -8.21
CA ASP B 130 -0.69 1.41 -8.15
C ASP B 130 -2.11 1.72 -7.71
N ILE B 131 -2.31 1.83 -6.39
CA ILE B 131 -3.59 2.30 -5.78
C ILE B 131 -3.39 3.76 -5.35
N PHE B 132 -4.12 4.69 -5.96
CA PHE B 132 -4.08 6.12 -5.59
C PHE B 132 -5.51 6.55 -5.27
N ARG B 133 -5.76 7.05 -4.04
CA ARG B 133 -7.04 7.70 -3.66
C ARG B 133 -6.80 9.11 -3.11
N TYR B 134 -7.61 10.08 -3.54
CA TYR B 134 -7.72 11.43 -2.94
C TYR B 134 -8.54 11.31 -1.64
N GLN B 135 -8.26 12.19 -0.69
CA GLN B 135 -8.92 12.14 0.64
C GLN B 135 -10.26 12.86 0.65
N ASP B 136 -10.33 14.03 0.03
CA ASP B 136 -11.60 14.77 -0.11
C ASP B 136 -12.64 13.82 -0.74
N GLU B 137 -12.25 12.96 -1.68
CA GLU B 137 -13.20 12.04 -2.37
C GLU B 137 -13.74 10.98 -1.41
N VAL B 138 -13.13 10.79 -0.23
CA VAL B 138 -13.40 9.61 0.66
C VAL B 138 -13.90 10.10 2.02
N PHE B 139 -13.43 11.27 2.46
CA PHE B 139 -13.80 11.94 3.73
C PHE B 139 -14.49 13.27 3.41
N LEU C 3 -16.99 -12.68 20.06
CA LEU C 3 -15.61 -12.56 19.46
C LEU C 3 -15.29 -13.82 18.64
N MET C 4 -15.22 -14.99 19.27
CA MET C 4 -14.93 -16.23 18.52
C MET C 4 -15.95 -16.44 17.41
N ALA C 5 -17.24 -16.21 17.67
CA ALA C 5 -18.35 -16.30 16.68
C ALA C 5 -18.15 -15.20 15.63
N GLN C 6 -17.92 -13.97 16.11
CA GLN C 6 -17.74 -12.75 15.30
C GLN C 6 -16.50 -12.82 14.37
N MET C 7 -15.43 -13.51 14.75
CA MET C 7 -14.16 -13.58 13.98
C MET C 7 -14.20 -14.69 12.92
N GLN C 8 -15.25 -15.55 12.92
CA GLN C 8 -15.43 -16.65 11.92
C GLN C 8 -15.83 -15.99 10.60
N GLY C 9 -15.23 -16.40 9.49
CA GLY C 9 -15.46 -15.82 8.16
C GLY C 9 -15.00 -16.75 7.04
N PRO C 10 -15.24 -16.36 5.77
CA PRO C 10 -14.92 -17.23 4.62
C PRO C 10 -13.41 -17.43 4.37
N TYR C 11 -12.56 -16.63 5.01
CA TYR C 11 -11.08 -16.75 4.90
C TYR C 11 -10.50 -16.68 6.30
N ASN C 12 -9.39 -17.38 6.53
CA ASN C 12 -8.74 -17.45 7.86
C ASN C 12 -7.42 -16.68 7.81
N PHE C 13 -7.12 -15.86 8.82
CA PHE C 13 -5.91 -14.99 8.88
C PHE C 13 -5.14 -15.21 10.18
N ILE C 14 -5.55 -16.17 11.01
CA ILE C 14 -5.03 -16.37 12.39
C ILE C 14 -4.03 -17.52 12.37
N GLN C 15 -2.79 -17.23 12.76
CA GLN C 15 -1.68 -18.22 12.83
C GLN C 15 -1.65 -18.80 14.25
N ASP C 16 -0.75 -19.74 14.53
CA ASP C 16 -0.48 -20.26 15.91
C ASP C 16 0.35 -19.21 16.66
N SER C 17 0.09 -19.00 17.96
CA SER C 17 0.81 -17.99 18.78
C SER C 17 2.26 -18.44 19.00
N MET C 18 3.19 -17.85 18.25
CA MET C 18 4.64 -18.14 18.28
C MET C 18 5.34 -17.31 19.35
N LEU C 19 4.88 -17.37 20.61
CA LEU C 19 5.43 -16.61 21.76
C LEU C 19 5.85 -17.56 22.90
N ASP C 20 7.12 -17.95 22.97
CA ASP C 20 7.68 -18.84 24.03
C ASP C 20 7.59 -18.13 25.38
N MET D 4 15.04 12.97 -19.40
CA MET D 4 15.44 11.54 -19.35
C MET D 4 16.81 11.39 -18.67
N ALA D 5 17.46 12.51 -18.33
CA ALA D 5 18.68 12.57 -17.49
C ALA D 5 18.29 12.47 -16.01
N GLN D 6 17.10 12.95 -15.65
CA GLN D 6 16.56 12.88 -14.27
C GLN D 6 16.19 11.43 -13.94
N MET D 7 15.83 10.62 -14.94
CA MET D 7 15.47 9.18 -14.73
C MET D 7 16.72 8.35 -14.47
N GLN D 8 17.93 8.94 -14.53
CA GLN D 8 19.20 8.29 -14.11
C GLN D 8 19.09 8.00 -12.62
N GLY D 9 19.22 6.73 -12.20
CA GLY D 9 19.32 6.37 -10.77
C GLY D 9 20.01 5.03 -10.58
N PRO D 10 20.11 4.54 -9.33
CA PRO D 10 20.73 3.23 -9.03
C PRO D 10 19.93 1.99 -9.48
N TYR D 11 18.64 2.21 -9.74
CA TYR D 11 17.64 1.17 -10.10
C TYR D 11 16.80 1.68 -11.28
N ASN D 12 16.33 0.74 -12.11
CA ASN D 12 15.65 1.00 -13.40
C ASN D 12 14.19 0.54 -13.28
N PHE D 13 13.24 1.44 -13.51
CA PHE D 13 11.78 1.16 -13.41
C PHE D 13 11.10 1.28 -14.79
N ILE D 14 11.83 1.67 -15.84
CA ILE D 14 11.23 2.01 -17.17
C ILE D 14 11.32 0.80 -18.10
N GLN D 15 10.16 0.38 -18.63
CA GLN D 15 10.01 -0.84 -19.47
C GLN D 15 9.82 -0.43 -20.95
N ASP D 16 10.00 -1.38 -21.87
CA ASP D 16 9.49 -1.36 -23.26
C ASP D 16 8.02 -0.94 -23.28
N SER D 17 7.58 -0.32 -24.38
CA SER D 17 6.19 0.14 -24.65
C SER D 17 5.42 -0.99 -25.37
N MET D 18 4.53 -1.69 -24.68
CA MET D 18 3.62 -2.71 -25.30
C MET D 18 2.56 -2.05 -26.19
N LEU D 19 2.60 -0.72 -26.35
CA LEU D 19 1.61 0.02 -27.18
C LEU D 19 1.82 -0.43 -28.62
N ASP D 20 0.82 -1.10 -29.19
CA ASP D 20 0.99 -1.85 -30.46
C ASP D 20 1.08 -0.87 -31.65
N PHE D 21 0.03 -0.05 -31.84
CA PHE D 21 -0.16 0.83 -33.03
C PHE D 21 -0.57 -0.03 -34.24
#